data_5HU7
#
_entry.id   5HU7
#
_cell.length_a   160.610
_cell.length_b   83.010
_cell.length_c   48.810
_cell.angle_alpha   90.00
_cell.angle_beta   90.00
_cell.angle_gamma   90.00
#
_symmetry.space_group_name_H-M   'P 21 21 2'
#
loop_
_entity.id
_entity.type
_entity.pdbx_description
1 polymer 'Putative polyketide synthase'
2 water water
#
_entity_poly.entity_id   1
_entity_poly.type   'polypeptide(L)'
_entity_poly.pdbx_seq_one_letter_code
;SMNTLSAIGDILHPLLHKNTSDLYELRYSSSFTGQELFMADHLGNGQRFFPLIAYLEMARAAVKQAAGERAGTLSGIRMS
HVATDDPLLVGDDLVQVHVGIYPEDTGELAYKIYSESNEDDTRSVVHSHGMVEFTSFVEVPTLDLPALQAESSEILTARQ
CYELLKERGMADHSEFQGIDQVYRAPGHVLVKLSLPSITMETAEQLVFHPSLLESLLPSTRYLITEATSPDSIRSIQLDG
TFTLEELEIYENHPAVKYALIRFSDNVQAENETATLDIELCDEAGRIGIRMRGFSMGSEKRGATVGTTMLTPVWNAVSVE
KG
;
_entity_poly.pdbx_strand_id   A,B
#
# COMPACT_ATOMS: atom_id res chain seq x y z
N ASP A 10 10.84 2.68 -2.34
CA ASP A 10 9.54 2.45 -1.71
C ASP A 10 8.63 1.64 -2.68
N ILE A 11 8.96 0.36 -2.88
CA ILE A 11 8.26 -0.58 -3.78
C ILE A 11 8.07 -1.94 -3.06
N LEU A 12 6.84 -2.50 -3.07
CA LEU A 12 6.58 -3.75 -2.37
C LEU A 12 7.26 -4.94 -3.05
N HIS A 13 7.25 -4.96 -4.38
CA HIS A 13 7.76 -6.06 -5.16
C HIS A 13 8.06 -5.53 -6.59
N PRO A 14 8.98 -6.12 -7.38
CA PRO A 14 9.22 -5.58 -8.74
C PRO A 14 7.98 -5.37 -9.60
N LEU A 15 6.94 -6.18 -9.41
CA LEU A 15 5.72 -6.08 -10.17
C LEU A 15 4.56 -5.46 -9.40
N LEU A 16 4.69 -5.21 -8.08
CA LEU A 16 3.64 -4.58 -7.25
C LEU A 16 4.25 -3.38 -6.65
N HIS A 17 4.01 -2.20 -7.17
CA HIS A 17 4.68 -1.03 -6.65
C HIS A 17 4.02 -0.46 -5.42
N LYS A 18 2.69 -0.42 -5.40
CA LYS A 18 1.97 0.19 -4.28
C LYS A 18 0.67 -0.47 -3.98
N ASN A 19 0.24 -0.33 -2.73
CA ASN A 19 -1.05 -0.79 -2.28
C ASN A 19 -1.94 0.42 -2.45
N THR A 20 -2.95 0.34 -3.32
CA THR A 20 -3.85 1.47 -3.57
C THR A 20 -5.29 1.10 -3.19
N SER A 21 -5.44 0.25 -2.18
CA SER A 21 -6.76 -0.16 -1.71
C SER A 21 -7.55 1.02 -1.22
N ASP A 22 -8.86 0.99 -1.40
CA ASP A 22 -9.73 2.08 -0.99
C ASP A 22 -11.04 1.51 -0.49
N LEU A 23 -12.06 2.37 -0.25
CA LEU A 23 -13.37 1.93 0.23
C LEU A 23 -14.02 0.90 -0.66
N TYR A 24 -13.84 1.04 -1.97
CA TYR A 24 -14.48 0.20 -2.96
C TYR A 24 -13.70 -1.01 -3.38
N GLU A 25 -12.39 -1.14 -3.04
CA GLU A 25 -11.59 -2.28 -3.50
C GLU A 25 -10.26 -2.49 -2.79
N LEU A 26 -9.82 -3.77 -2.61
CA LEU A 26 -8.49 -4.16 -2.11
C LEU A 26 -7.65 -4.34 -3.38
N ARG A 27 -6.63 -3.47 -3.59
CA ARG A 27 -5.84 -3.58 -4.82
C ARG A 27 -4.44 -3.01 -4.74
N TYR A 28 -3.63 -3.39 -5.73
CA TYR A 28 -2.26 -2.95 -5.86
C TYR A 28 -2.10 -2.34 -7.25
N SER A 29 -1.25 -1.33 -7.37
CA SER A 29 -1.03 -0.64 -8.66
C SER A 29 0.42 -0.52 -8.95
N SER A 30 0.77 -0.69 -10.24
CA SER A 30 2.13 -0.57 -10.76
C SER A 30 2.09 0.22 -12.05
N SER A 31 3.14 0.99 -12.33
CA SER A 31 3.26 1.75 -13.58
C SER A 31 4.48 1.22 -14.30
N PHE A 32 4.31 0.72 -15.51
CA PHE A 32 5.39 0.10 -16.30
C PHE A 32 5.70 0.87 -17.55
N THR A 33 7.00 1.01 -17.82
CA THR A 33 7.57 1.68 -18.98
C THR A 33 8.06 0.69 -20.04
N GLY A 34 8.36 -0.55 -19.66
CA GLY A 34 8.93 -1.53 -20.56
C GLY A 34 10.39 -1.77 -20.23
N GLN A 35 10.99 -0.93 -19.35
CA GLN A 35 12.38 -1.08 -18.93
C GLN A 35 12.54 -1.87 -17.63
N GLU A 36 11.44 -2.26 -16.96
CA GLU A 36 11.55 -2.98 -15.69
C GLU A 36 12.09 -4.43 -15.85
N LEU A 37 12.32 -5.11 -14.71
CA LEU A 37 12.91 -6.45 -14.58
C LEU A 37 12.32 -7.56 -15.49
N PHE A 38 11.02 -7.79 -15.40
CA PHE A 38 10.37 -8.84 -16.20
C PHE A 38 10.17 -8.37 -17.64
N MET A 39 10.12 -7.06 -17.83
CA MET A 39 9.95 -6.43 -19.14
C MET A 39 11.25 -6.48 -19.93
N ALA A 40 12.41 -6.59 -19.20
CA ALA A 40 13.79 -6.63 -19.71
C ALA A 40 13.94 -7.33 -21.05
N ASP A 41 14.27 -6.54 -22.09
CA ASP A 41 14.38 -7.02 -23.45
C ASP A 41 15.63 -6.50 -24.16
N HIS A 42 16.08 -7.26 -25.17
CA HIS A 42 17.22 -6.93 -26.02
C HIS A 42 17.18 -5.51 -26.63
N LEU A 43 18.21 -4.71 -26.30
CA LEU A 43 18.52 -3.35 -26.77
C LEU A 43 17.36 -2.32 -26.75
N GLY A 44 16.69 -2.21 -25.60
CA GLY A 44 15.64 -1.21 -25.37
C GLY A 44 14.23 -1.75 -25.43
N ASN A 45 13.28 -0.94 -25.94
CA ASN A 45 11.89 -1.33 -25.99
C ASN A 45 11.15 -0.92 -27.28
N GLY A 46 9.86 -1.22 -27.30
CA GLY A 46 8.85 -0.96 -28.31
C GLY A 46 7.59 -1.73 -27.91
N GLN A 47 6.47 -1.59 -28.66
CA GLN A 47 5.27 -2.26 -28.18
C GLN A 47 5.44 -3.78 -28.19
N ARG A 48 4.84 -4.43 -27.20
CA ARG A 48 4.89 -5.87 -27.05
C ARG A 48 3.97 -6.38 -25.95
N PHE A 49 3.74 -7.66 -25.95
CA PHE A 49 2.88 -8.34 -24.99
C PHE A 49 3.56 -8.42 -23.66
N PHE A 50 2.80 -8.20 -22.57
CA PHE A 50 3.32 -8.36 -21.21
C PHE A 50 3.78 -9.82 -21.07
N PRO A 51 4.96 -10.12 -20.49
CA PRO A 51 5.38 -11.52 -20.39
C PRO A 51 4.39 -12.43 -19.66
N LEU A 52 4.18 -13.65 -20.16
CA LEU A 52 3.25 -14.65 -19.61
C LEU A 52 3.46 -14.89 -18.08
N ILE A 53 4.66 -15.31 -17.67
CA ILE A 53 5.00 -15.52 -16.25
C ILE A 53 4.84 -14.28 -15.38
N ALA A 54 4.94 -13.10 -15.97
CA ALA A 54 4.81 -11.87 -15.20
C ALA A 54 3.40 -11.75 -14.62
N TYR A 55 2.37 -12.29 -15.34
CA TYR A 55 0.99 -12.29 -14.85
C TYR A 55 0.85 -13.18 -13.63
N LEU A 56 1.55 -14.33 -13.60
CA LEU A 56 1.47 -15.26 -12.49
C LEU A 56 2.20 -14.77 -11.28
N GLU A 57 3.39 -14.24 -11.51
CA GLU A 57 4.25 -13.63 -10.48
C GLU A 57 3.57 -12.40 -9.81
N MET A 58 2.94 -11.53 -10.61
CA MET A 58 2.21 -10.36 -10.11
C MET A 58 1.02 -10.78 -9.25
N ALA A 59 0.21 -11.72 -9.73
CA ALA A 59 -0.95 -12.25 -9.01
C ALA A 59 -0.55 -12.92 -7.70
N ARG A 60 0.55 -13.66 -7.71
CA ARG A 60 1.06 -14.34 -6.52
C ARG A 60 1.54 -13.34 -5.50
N ALA A 61 2.28 -12.32 -5.94
CA ALA A 61 2.78 -11.28 -5.07
C ALA A 61 1.62 -10.53 -4.37
N ALA A 62 0.52 -10.22 -5.09
CA ALA A 62 -0.67 -9.54 -4.54
C ALA A 62 -1.35 -10.35 -3.48
N VAL A 63 -1.58 -11.62 -3.78
CA VAL A 63 -2.20 -12.57 -2.83
C VAL A 63 -1.37 -12.70 -1.53
N LYS A 64 -0.05 -12.86 -1.65
CA LYS A 64 0.82 -12.95 -0.48
C LYS A 64 0.76 -11.63 0.34
N GLN A 65 0.72 -10.46 -0.33
CA GLN A 65 0.58 -9.16 0.36
C GLN A 65 -0.76 -9.08 1.09
N ALA A 66 -1.84 -9.49 0.42
CA ALA A 66 -3.19 -9.59 0.98
C ALA A 66 -3.34 -10.86 1.88
N ALA A 67 -2.73 -10.91 3.08
CA ALA A 67 -2.75 -12.09 3.96
C ALA A 67 -2.01 -11.84 5.29
N SER A 75 1.60 -20.92 3.73
CA SER A 75 2.81 -20.75 2.93
C SER A 75 2.59 -21.18 1.45
N GLY A 76 2.24 -22.46 1.24
CA GLY A 76 1.88 -23.07 -0.04
C GLY A 76 0.72 -22.34 -0.67
N ILE A 77 0.79 -22.12 -1.99
CA ILE A 77 -0.22 -21.44 -2.77
C ILE A 77 -0.63 -22.33 -3.92
N ARG A 78 -1.95 -22.34 -4.23
CA ARG A 78 -2.48 -23.02 -5.40
C ARG A 78 -3.28 -21.99 -6.19
N MET A 79 -2.92 -21.74 -7.44
CA MET A 79 -3.68 -20.89 -8.32
C MET A 79 -4.40 -21.83 -9.29
N SER A 80 -5.69 -21.65 -9.53
CA SER A 80 -6.52 -22.52 -10.38
C SER A 80 -7.28 -21.67 -11.38
N HIS A 81 -7.64 -22.26 -12.53
CA HIS A 81 -8.47 -21.64 -13.56
C HIS A 81 -7.97 -20.29 -14.02
N VAL A 82 -6.66 -20.18 -14.21
CA VAL A 82 -6.02 -18.94 -14.64
C VAL A 82 -6.24 -18.75 -16.15
N ALA A 83 -6.54 -17.52 -16.55
CA ALA A 83 -6.81 -17.22 -17.96
C ALA A 83 -6.40 -15.81 -18.29
N THR A 84 -5.47 -15.65 -19.26
CA THR A 84 -5.06 -14.36 -19.81
C THR A 84 -5.70 -14.31 -21.17
N ASP A 85 -6.85 -13.62 -21.29
CA ASP A 85 -7.70 -13.53 -22.50
C ASP A 85 -7.40 -12.30 -23.37
N ASP A 86 -7.15 -11.15 -22.73
CA ASP A 86 -6.93 -9.87 -23.43
C ASP A 86 -5.56 -9.39 -23.05
N PRO A 87 -4.52 -9.60 -23.89
CA PRO A 87 -3.15 -9.24 -23.48
C PRO A 87 -2.88 -7.77 -23.18
N LEU A 88 -2.10 -7.56 -22.12
CA LEU A 88 -1.63 -6.24 -21.72
C LEU A 88 -0.43 -5.93 -22.63
N LEU A 89 -0.46 -4.76 -23.25
CA LEU A 89 0.60 -4.31 -24.13
C LEU A 89 1.42 -3.29 -23.38
N VAL A 90 2.73 -3.43 -23.43
CA VAL A 90 3.67 -2.53 -22.75
C VAL A 90 4.75 -2.08 -23.74
N GLY A 91 5.47 -1.02 -23.37
CA GLY A 91 6.58 -0.50 -24.15
C GLY A 91 6.23 0.57 -25.16
N ASP A 92 4.93 0.86 -25.38
CA ASP A 92 4.46 1.90 -26.31
C ASP A 92 4.24 3.17 -25.48
N ASP A 93 3.32 3.11 -24.52
CA ASP A 93 2.98 4.20 -23.61
C ASP A 93 3.14 3.69 -22.18
N LEU A 94 3.13 4.63 -21.23
CA LEU A 94 3.25 4.30 -19.82
C LEU A 94 1.95 3.64 -19.38
N VAL A 95 2.02 2.43 -18.86
CA VAL A 95 0.78 1.73 -18.46
C VAL A 95 0.66 1.62 -16.94
N GLN A 96 -0.52 1.93 -16.42
CA GLN A 96 -0.84 1.76 -15.01
C GLN A 96 -1.66 0.46 -14.91
N VAL A 97 -1.09 -0.59 -14.31
CA VAL A 97 -1.73 -1.89 -14.17
C VAL A 97 -2.12 -2.11 -12.74
N HIS A 98 -3.33 -2.61 -12.53
CA HIS A 98 -3.86 -2.88 -11.20
C HIS A 98 -4.08 -4.38 -10.98
N VAL A 99 -3.98 -4.81 -9.74
CA VAL A 99 -4.29 -6.19 -9.33
C VAL A 99 -5.30 -6.08 -8.21
N GLY A 100 -6.52 -6.48 -8.49
CA GLY A 100 -7.57 -6.48 -7.49
C GLY A 100 -7.70 -7.87 -6.90
N ILE A 101 -8.02 -7.95 -5.61
CA ILE A 101 -8.24 -9.21 -4.91
C ILE A 101 -9.69 -9.13 -4.37
N TYR A 102 -10.52 -10.15 -4.66
CA TYR A 102 -11.95 -10.20 -4.31
C TYR A 102 -12.29 -11.53 -3.62
N PRO A 103 -13.38 -11.55 -2.84
CA PRO A 103 -13.82 -12.83 -2.19
C PRO A 103 -14.38 -13.82 -3.20
N GLU A 104 -14.18 -15.12 -2.95
CA GLU A 104 -14.76 -16.16 -3.80
C GLU A 104 -15.52 -17.16 -2.96
N ASP A 105 -14.85 -17.73 -1.94
CA ASP A 105 -15.40 -18.72 -1.02
C ASP A 105 -14.62 -18.58 0.30
N THR A 106 -14.92 -19.45 1.29
CA THR A 106 -14.27 -19.42 2.59
C THR A 106 -12.77 -19.60 2.53
N GLY A 107 -12.26 -20.45 1.65
CA GLY A 107 -10.83 -20.71 1.53
C GLY A 107 -10.33 -20.37 0.14
N GLU A 108 -10.99 -19.44 -0.55
CA GLU A 108 -10.62 -19.11 -1.91
C GLU A 108 -10.82 -17.64 -2.26
N LEU A 109 -9.83 -17.08 -2.96
CA LEU A 109 -9.86 -15.69 -3.38
C LEU A 109 -9.86 -15.66 -4.88
N ALA A 110 -10.35 -14.56 -5.44
CA ALA A 110 -10.30 -14.31 -6.87
C ALA A 110 -9.38 -13.13 -7.11
N TYR A 111 -8.69 -13.14 -8.23
CA TYR A 111 -7.87 -11.98 -8.58
C TYR A 111 -8.14 -11.55 -10.00
N LYS A 112 -7.87 -10.27 -10.28
CA LYS A 112 -7.96 -9.72 -11.63
C LYS A 112 -6.84 -8.76 -11.84
N ILE A 113 -6.19 -8.86 -12.98
CA ILE A 113 -5.15 -7.93 -13.39
C ILE A 113 -5.83 -7.10 -14.45
N TYR A 114 -5.84 -5.80 -14.29
CA TYR A 114 -6.57 -4.95 -15.22
C TYR A 114 -5.94 -3.58 -15.34
N SER A 115 -6.29 -2.85 -16.38
CA SER A 115 -5.78 -1.50 -16.64
C SER A 115 -6.81 -0.64 -17.33
N GLU A 116 -6.52 0.67 -17.42
CA GLU A 116 -7.33 1.68 -18.10
C GLU A 116 -8.71 1.84 -17.48
N SER A 124 -12.07 0.30 -18.40
CA SER A 124 -11.22 -0.74 -17.77
C SER A 124 -11.26 -2.11 -18.48
N VAL A 125 -10.07 -2.66 -18.76
CA VAL A 125 -9.90 -3.94 -19.43
C VAL A 125 -9.25 -4.94 -18.47
N VAL A 126 -9.81 -6.15 -18.33
CA VAL A 126 -9.28 -7.25 -17.51
C VAL A 126 -8.42 -8.11 -18.42
N HIS A 127 -7.14 -8.20 -18.10
CA HIS A 127 -6.18 -8.94 -18.89
C HIS A 127 -6.05 -10.35 -18.39
N SER A 128 -6.03 -10.56 -17.08
CA SER A 128 -5.85 -11.88 -16.50
C SER A 128 -6.69 -12.03 -15.22
N HIS A 129 -7.18 -13.23 -14.95
CA HIS A 129 -7.90 -13.54 -13.73
C HIS A 129 -7.70 -15.01 -13.35
N GLY A 130 -7.93 -15.31 -12.09
CA GLY A 130 -7.80 -16.66 -11.59
C GLY A 130 -8.18 -16.76 -10.13
N MET A 131 -8.21 -17.99 -9.62
CA MET A 131 -8.56 -18.26 -8.22
C MET A 131 -7.31 -18.65 -7.49
N VAL A 132 -7.26 -18.34 -6.19
CA VAL A 132 -6.13 -18.70 -5.32
C VAL A 132 -6.54 -19.29 -3.98
N GLU A 133 -5.83 -20.35 -3.53
CA GLU A 133 -5.97 -20.98 -2.22
C GLU A 133 -4.63 -21.05 -1.53
N PHE A 134 -4.68 -20.94 -0.22
CA PHE A 134 -3.57 -21.08 0.71
C PHE A 134 -3.73 -22.41 1.32
N THR A 135 -2.73 -23.24 1.20
CA THR A 135 -2.79 -24.59 1.70
C THR A 135 -1.42 -25.08 2.12
N SER A 136 -1.40 -26.11 2.98
CA SER A 136 -0.20 -26.73 3.46
C SER A 136 -0.01 -27.98 2.64
N PHE A 137 0.99 -27.99 1.76
CA PHE A 137 1.26 -29.18 0.95
C PHE A 137 1.89 -30.26 1.81
N VAL A 138 1.12 -31.29 2.10
CA VAL A 138 1.49 -32.42 2.94
C VAL A 138 2.53 -33.36 2.32
N GLU A 139 2.60 -33.39 0.99
CA GLU A 139 3.56 -34.20 0.28
C GLU A 139 4.11 -33.44 -0.93
N VAL A 140 5.29 -32.83 -0.80
CA VAL A 140 5.92 -32.09 -1.90
C VAL A 140 6.49 -33.12 -2.90
N PRO A 141 6.12 -33.07 -4.19
CA PRO A 141 6.62 -34.11 -5.12
C PRO A 141 8.08 -33.93 -5.53
N THR A 142 8.63 -34.99 -6.07
CA THR A 142 10.02 -35.04 -6.51
C THR A 142 10.14 -35.72 -7.84
N LEU A 143 11.29 -35.53 -8.47
CA LEU A 143 11.65 -36.16 -9.74
C LEU A 143 12.88 -36.97 -9.49
N ASP A 144 12.96 -38.15 -10.13
CA ASP A 144 14.13 -39.00 -10.07
C ASP A 144 14.91 -38.56 -11.33
N LEU A 145 15.80 -37.58 -11.17
CA LEU A 145 16.55 -36.99 -12.31
C LEU A 145 17.44 -37.99 -13.02
N PRO A 146 18.29 -38.77 -12.31
CA PRO A 146 19.11 -39.79 -12.99
C PRO A 146 18.30 -40.79 -13.84
N ALA A 147 17.18 -41.27 -13.32
CA ALA A 147 16.32 -42.18 -14.07
C ALA A 147 15.74 -41.50 -15.32
N LEU A 148 15.28 -40.24 -15.21
CA LEU A 148 14.72 -39.50 -16.35
C LEU A 148 15.75 -39.29 -17.43
N GLN A 149 16.98 -38.98 -17.00
CA GLN A 149 18.11 -38.77 -17.88
C GLN A 149 18.54 -40.06 -18.60
N ALA A 150 18.54 -41.21 -17.90
CA ALA A 150 18.95 -42.51 -18.49
C ALA A 150 17.96 -43.03 -19.54
N GLU A 151 16.72 -42.62 -19.42
CA GLU A 151 15.61 -42.98 -20.31
C GLU A 151 15.66 -42.26 -21.70
N SER A 152 16.44 -41.19 -21.87
CA SER A 152 16.40 -40.38 -23.07
C SER A 152 17.00 -41.05 -24.32
N SER A 153 16.41 -40.71 -25.47
CA SER A 153 16.81 -41.20 -26.79
C SER A 153 17.81 -40.21 -27.43
N GLU A 154 17.76 -38.93 -27.03
CA GLU A 154 18.67 -37.91 -27.51
C GLU A 154 18.97 -36.92 -26.38
N ILE A 155 20.15 -36.30 -26.46
CA ILE A 155 20.57 -35.21 -25.58
C ILE A 155 21.10 -34.13 -26.52
N LEU A 156 20.51 -32.96 -26.46
CA LEU A 156 20.84 -31.86 -27.34
C LEU A 156 21.51 -30.74 -26.61
N THR A 157 22.45 -30.08 -27.29
CA THR A 157 23.07 -28.86 -26.78
C THR A 157 22.06 -27.69 -27.03
N ALA A 158 22.30 -26.47 -26.52
CA ALA A 158 21.36 -25.37 -26.84
C ALA A 158 21.35 -25.08 -28.39
N ARG A 159 22.52 -25.08 -29.04
CA ARG A 159 22.57 -24.85 -30.49
C ARG A 159 21.73 -25.85 -31.28
N GLN A 160 21.94 -27.12 -31.05
CA GLN A 160 21.18 -28.17 -31.73
C GLN A 160 19.66 -27.97 -31.67
N CYS A 161 19.10 -27.54 -30.52
CA CYS A 161 17.66 -27.26 -30.41
C CYS A 161 17.29 -26.15 -31.41
N TYR A 162 18.01 -25.00 -31.36
CA TYR A 162 17.84 -23.84 -32.25
C TYR A 162 17.92 -24.25 -33.69
N GLU A 163 18.96 -25.01 -34.04
CA GLU A 163 19.19 -25.45 -35.42
C GLU A 163 18.00 -26.28 -35.94
N LEU A 164 17.49 -27.19 -35.11
CA LEU A 164 16.33 -28.02 -35.43
C LEU A 164 15.02 -27.19 -35.45
N LEU A 165 14.87 -26.21 -34.53
CA LEU A 165 13.66 -25.39 -34.53
C LEU A 165 13.63 -24.48 -35.75
N LYS A 166 14.78 -23.90 -36.13
CA LYS A 166 14.90 -23.06 -37.33
C LYS A 166 14.44 -23.82 -38.59
N GLU A 167 14.71 -25.15 -38.66
CA GLU A 167 14.30 -26.02 -39.77
C GLU A 167 12.79 -25.94 -39.98
N ARG A 168 12.01 -26.07 -38.89
CA ARG A 168 10.55 -26.01 -38.92
C ARG A 168 10.07 -24.57 -39.19
N GLY A 169 9.00 -24.44 -39.98
CA GLY A 169 8.43 -23.15 -40.37
C GLY A 169 7.62 -22.47 -39.28
N MET A 170 6.72 -23.21 -38.61
CA MET A 170 5.87 -22.65 -37.56
C MET A 170 6.70 -22.22 -36.34
N ALA A 171 7.58 -23.12 -35.86
CA ALA A 171 8.43 -22.85 -34.68
C ALA A 171 9.80 -22.30 -35.05
N ASP A 172 10.27 -21.27 -34.31
CA ASP A 172 11.61 -20.65 -34.44
C ASP A 172 11.70 -19.51 -33.43
N HIS A 173 12.84 -19.39 -32.73
CA HIS A 173 13.05 -18.38 -31.68
C HIS A 173 14.41 -17.68 -31.84
N SER A 174 14.67 -16.69 -30.97
CA SER A 174 15.91 -15.92 -30.94
C SER A 174 16.98 -16.53 -30.01
N GLU A 175 16.81 -16.43 -28.66
CA GLU A 175 17.83 -16.90 -27.71
C GLU A 175 17.47 -18.14 -26.84
N PHE A 176 18.49 -18.99 -26.64
CA PHE A 176 18.47 -20.24 -25.88
C PHE A 176 19.64 -20.12 -24.87
N GLN A 177 19.80 -18.90 -24.28
CA GLN A 177 20.87 -18.58 -23.33
C GLN A 177 20.65 -19.24 -21.98
N GLY A 178 19.39 -19.51 -21.63
CA GLY A 178 19.06 -20.17 -20.39
C GLY A 178 19.15 -21.70 -20.40
N ILE A 179 19.33 -22.33 -21.59
CA ILE A 179 19.34 -23.79 -21.74
C ILE A 179 20.75 -24.37 -21.73
N ASP A 180 21.10 -25.23 -20.74
CA ASP A 180 22.39 -25.91 -20.76
C ASP A 180 22.30 -27.10 -21.72
N GLN A 181 21.30 -27.95 -21.54
CA GLN A 181 21.12 -29.13 -22.37
C GLN A 181 19.71 -29.62 -22.28
N VAL A 182 19.29 -30.39 -23.28
CA VAL A 182 17.93 -30.92 -23.30
C VAL A 182 17.98 -32.40 -23.46
N TYR A 183 17.38 -33.11 -22.52
CA TYR A 183 17.23 -34.57 -22.53
C TYR A 183 15.86 -34.91 -23.12
N ARG A 184 15.82 -35.59 -24.27
CA ARG A 184 14.55 -35.94 -24.89
C ARG A 184 14.26 -37.39 -24.71
N ALA A 185 13.02 -37.65 -24.41
CA ALA A 185 12.54 -39.01 -24.33
C ALA A 185 11.19 -39.01 -25.01
N PRO A 186 10.64 -40.19 -25.32
CA PRO A 186 9.28 -40.23 -25.88
C PRO A 186 8.30 -39.75 -24.81
N GLY A 187 7.53 -38.70 -25.13
CA GLY A 187 6.57 -38.10 -24.19
C GLY A 187 7.07 -37.02 -23.26
N HIS A 188 8.41 -36.74 -23.21
CA HIS A 188 8.92 -35.66 -22.35
C HIS A 188 10.24 -35.06 -22.79
N VAL A 189 10.50 -33.85 -22.29
CA VAL A 189 11.77 -33.17 -22.44
C VAL A 189 12.17 -32.72 -21.05
N LEU A 190 13.43 -32.98 -20.66
CA LEU A 190 13.95 -32.55 -19.37
C LEU A 190 15.00 -31.53 -19.71
N VAL A 191 14.74 -30.27 -19.37
CA VAL A 191 15.62 -29.17 -19.72
C VAL A 191 16.50 -28.85 -18.54
N LYS A 192 17.81 -28.81 -18.75
CA LYS A 192 18.73 -28.36 -17.71
C LYS A 192 18.89 -26.86 -17.92
N LEU A 193 18.55 -26.09 -16.90
CA LEU A 193 18.54 -24.64 -16.97
C LEU A 193 19.75 -24.00 -16.35
N SER A 194 20.10 -22.83 -16.87
CA SER A 194 21.15 -21.99 -16.32
C SER A 194 20.61 -20.59 -16.53
N LEU A 195 19.61 -20.26 -15.70
CA LEU A 195 18.90 -18.99 -15.78
C LEU A 195 19.86 -17.84 -15.48
N PRO A 196 19.71 -16.68 -16.17
CA PRO A 196 20.63 -15.57 -15.92
C PRO A 196 20.68 -15.11 -14.47
N SER A 197 21.81 -14.51 -14.09
CA SER A 197 22.05 -14.03 -12.73
C SER A 197 21.10 -12.86 -12.39
N ILE A 198 20.45 -12.96 -11.23
CA ILE A 198 19.54 -11.96 -10.69
C ILE A 198 20.05 -11.67 -9.28
N THR A 199 20.06 -10.38 -8.89
CA THR A 199 20.55 -9.97 -7.57
C THR A 199 19.84 -10.72 -6.43
N MET A 200 20.57 -11.07 -5.36
CA MET A 200 20.05 -11.80 -4.19
C MET A 200 18.82 -11.11 -3.60
N GLU A 201 18.89 -9.77 -3.43
CA GLU A 201 17.79 -8.96 -2.88
C GLU A 201 16.56 -8.91 -3.82
N THR A 202 16.78 -8.88 -5.15
CA THR A 202 15.68 -8.86 -6.13
C THR A 202 15.09 -10.28 -6.24
N ALA A 203 15.96 -11.31 -6.41
CA ALA A 203 15.55 -12.72 -6.46
C ALA A 203 14.85 -13.19 -5.16
N GLU A 204 15.08 -12.48 -4.04
CA GLU A 204 14.42 -12.74 -2.75
C GLU A 204 12.92 -12.45 -2.83
N GLN A 205 12.46 -11.45 -3.63
CA GLN A 205 11.03 -11.14 -3.77
C GLN A 205 10.32 -12.02 -4.81
N LEU A 206 11.08 -12.62 -5.73
CA LEU A 206 10.56 -13.46 -6.80
C LEU A 206 10.45 -14.95 -6.51
N VAL A 207 9.52 -15.60 -7.20
CA VAL A 207 9.35 -17.03 -7.24
C VAL A 207 9.72 -17.45 -8.68
N PHE A 208 9.06 -16.80 -9.68
CA PHE A 208 9.30 -17.01 -11.10
C PHE A 208 10.40 -16.08 -11.56
N HIS A 209 11.42 -16.65 -12.20
CA HIS A 209 12.56 -15.91 -12.70
C HIS A 209 12.09 -15.12 -13.93
N PRO A 210 12.59 -13.87 -14.15
CA PRO A 210 12.13 -13.10 -15.31
C PRO A 210 12.49 -13.67 -16.69
N SER A 211 13.43 -14.63 -16.77
CA SER A 211 13.89 -15.21 -18.03
C SER A 211 13.40 -16.63 -18.28
N LEU A 212 12.64 -17.22 -17.36
CA LEU A 212 12.14 -18.60 -17.46
C LEU A 212 11.32 -18.91 -18.74
N LEU A 213 10.51 -17.97 -19.22
CA LEU A 213 9.68 -18.15 -20.42
C LEU A 213 10.54 -18.15 -21.69
N GLU A 214 11.64 -17.41 -21.68
CA GLU A 214 12.53 -17.35 -22.85
C GLU A 214 13.27 -18.71 -23.06
N SER A 215 13.30 -19.57 -22.01
CA SER A 215 13.94 -20.88 -22.01
C SER A 215 12.95 -22.01 -22.25
N LEU A 216 11.77 -21.92 -21.66
CA LEU A 216 10.73 -22.92 -21.75
C LEU A 216 10.07 -22.94 -23.10
N LEU A 217 9.73 -21.79 -23.65
CA LEU A 217 9.08 -21.70 -24.96
C LEU A 217 9.82 -22.49 -26.06
N PRO A 218 11.12 -22.27 -26.35
CA PRO A 218 11.78 -23.13 -27.37
C PRO A 218 11.76 -24.63 -27.03
N SER A 219 11.76 -24.94 -25.71
CA SER A 219 11.70 -26.31 -25.19
C SER A 219 10.32 -26.94 -25.42
N THR A 220 9.22 -26.16 -25.26
CA THR A 220 7.87 -26.68 -25.51
C THR A 220 7.69 -26.91 -27.00
N ARG A 221 8.22 -25.98 -27.82
CA ARG A 221 8.18 -26.10 -29.29
C ARG A 221 8.93 -27.35 -29.76
N TYR A 222 10.04 -27.69 -29.08
CA TYR A 222 10.81 -28.89 -29.38
C TYR A 222 10.00 -30.16 -29.05
N LEU A 223 9.21 -30.13 -27.97
CA LEU A 223 8.35 -31.26 -27.63
C LEU A 223 7.22 -31.40 -28.67
N ILE A 224 6.54 -30.27 -28.95
CA ILE A 224 5.43 -30.17 -29.91
C ILE A 224 5.81 -30.62 -31.32
N THR A 225 6.96 -30.14 -31.87
CA THR A 225 7.42 -30.53 -33.23
C THR A 225 7.83 -32.01 -33.39
N GLU A 226 8.37 -32.65 -32.33
CA GLU A 226 8.79 -34.05 -32.41
C GLU A 226 7.57 -35.00 -32.38
N ALA A 227 6.49 -34.62 -31.66
CA ALA A 227 5.25 -35.41 -31.60
C ALA A 227 4.55 -35.42 -32.96
N THR A 228 4.25 -34.22 -33.52
CA THR A 228 3.60 -34.07 -34.82
C THR A 228 4.61 -34.35 -35.95
N GLN A 237 4.24 -16.46 -33.61
CA GLN A 237 3.11 -17.33 -33.37
C GLN A 237 2.31 -16.94 -32.13
N LEU A 238 2.97 -16.62 -31.00
CA LEU A 238 2.25 -16.34 -29.75
C LEU A 238 1.49 -15.05 -29.81
N ASP A 239 0.26 -15.05 -29.30
CA ASP A 239 -0.61 -13.87 -29.27
C ASP A 239 -0.74 -13.22 -27.89
N GLY A 240 0.13 -13.57 -26.95
CA GLY A 240 0.10 -13.01 -25.61
C GLY A 240 -0.93 -13.61 -24.65
N THR A 241 -1.74 -14.59 -25.09
CA THR A 241 -2.73 -15.24 -24.22
C THR A 241 -2.25 -16.60 -23.70
N PHE A 242 -2.86 -17.04 -22.62
CA PHE A 242 -2.64 -18.35 -22.09
C PHE A 242 -3.75 -18.71 -21.10
N THR A 243 -3.88 -20.00 -20.82
CA THR A 243 -4.74 -20.57 -19.81
C THR A 243 -3.90 -21.55 -18.98
N LEU A 244 -4.22 -21.68 -17.69
CA LEU A 244 -3.52 -22.61 -16.81
C LEU A 244 -4.49 -23.16 -15.82
N GLU A 245 -4.73 -24.46 -15.92
CA GLU A 245 -5.67 -25.11 -15.03
C GLU A 245 -5.26 -25.09 -13.58
N GLU A 246 -4.00 -25.35 -13.29
CA GLU A 246 -3.53 -25.38 -11.91
C GLU A 246 -2.07 -25.06 -11.81
N LEU A 247 -1.70 -24.40 -10.74
CA LEU A 247 -0.33 -24.01 -10.44
C LEU A 247 -0.17 -24.19 -8.96
N GLU A 248 0.80 -25.01 -8.55
CA GLU A 248 1.10 -25.22 -7.15
C GLU A 248 2.51 -24.74 -6.88
N ILE A 249 2.70 -23.91 -5.87
CA ILE A 249 4.02 -23.40 -5.49
C ILE A 249 4.30 -24.03 -4.11
N TYR A 250 5.30 -24.93 -4.03
CA TYR A 250 5.60 -25.72 -2.83
C TYR A 250 6.53 -25.04 -1.82
N GLU A 251 7.27 -24.03 -2.24
CA GLU A 251 8.15 -23.26 -1.35
C GLU A 251 8.35 -21.87 -1.93
N ASN A 252 8.72 -20.93 -1.08
CA ASN A 252 9.03 -19.57 -1.48
C ASN A 252 10.47 -19.60 -1.99
N HIS A 253 10.84 -18.71 -2.92
CA HIS A 253 12.21 -18.64 -3.43
C HIS A 253 12.74 -20.03 -3.90
N PRO A 254 12.02 -20.75 -4.79
CA PRO A 254 12.52 -22.06 -5.22
C PRO A 254 13.70 -21.94 -6.20
N ALA A 255 14.69 -22.82 -6.04
CA ALA A 255 15.85 -22.89 -6.91
C ALA A 255 15.45 -23.79 -8.08
N VAL A 256 15.43 -23.23 -9.30
CA VAL A 256 15.01 -23.94 -10.50
C VAL A 256 16.21 -24.29 -11.40
N LYS A 257 16.64 -25.54 -11.35
CA LYS A 257 17.75 -26.03 -12.17
C LYS A 257 17.27 -26.86 -13.35
N TYR A 258 16.04 -27.40 -13.30
CA TYR A 258 15.48 -28.22 -14.36
C TYR A 258 14.02 -27.97 -14.53
N ALA A 259 13.55 -28.21 -15.75
CA ALA A 259 12.14 -28.17 -16.09
C ALA A 259 11.80 -29.47 -16.83
N LEU A 260 10.87 -30.25 -16.31
CA LEU A 260 10.39 -31.46 -16.96
C LEU A 260 9.10 -31.06 -17.64
N ILE A 261 9.00 -31.21 -18.98
CA ILE A 261 7.83 -30.80 -19.72
C ILE A 261 7.25 -32.04 -20.38
N ARG A 262 5.92 -32.18 -20.28
CA ARG A 262 5.15 -33.29 -20.83
C ARG A 262 3.85 -32.74 -21.40
N PHE A 263 3.13 -33.57 -22.13
CA PHE A 263 1.79 -33.25 -22.59
C PHE A 263 0.86 -33.66 -21.46
N SER A 264 -0.17 -32.83 -21.18
CA SER A 264 -1.14 -33.14 -20.12
C SER A 264 -2.05 -34.27 -20.60
N ASP A 265 -2.40 -35.21 -19.69
CA ASP A 265 -3.24 -36.39 -20.01
C ASP A 265 -4.72 -36.05 -19.81
N THR A 273 -3.64 -25.07 -29.00
CA THR A 273 -4.30 -26.35 -28.69
C THR A 273 -3.41 -27.25 -27.78
N ALA A 274 -2.05 -27.19 -27.94
CA ALA A 274 -1.11 -28.01 -27.17
C ALA A 274 -1.17 -27.73 -25.66
N THR A 275 -1.66 -28.70 -24.82
CA THR A 275 -1.74 -28.51 -23.37
C THR A 275 -0.59 -29.25 -22.65
N LEU A 276 0.11 -28.55 -21.75
CA LEU A 276 1.27 -29.10 -21.09
C LEU A 276 1.24 -29.13 -19.59
N ASP A 277 2.03 -30.05 -19.04
CA ASP A 277 2.33 -30.17 -17.62
C ASP A 277 3.84 -29.83 -17.50
N ILE A 278 4.20 -28.89 -16.61
CA ILE A 278 5.57 -28.45 -16.39
C ILE A 278 5.88 -28.56 -14.92
N GLU A 279 6.98 -29.26 -14.59
CA GLU A 279 7.49 -29.38 -13.24
C GLU A 279 8.87 -28.74 -13.21
N LEU A 280 9.08 -27.82 -12.27
CA LEU A 280 10.31 -27.07 -12.12
C LEU A 280 10.91 -27.52 -10.81
N CYS A 281 12.13 -28.09 -10.83
CA CYS A 281 12.79 -28.59 -9.64
C CYS A 281 14.22 -28.07 -9.52
N ASP A 282 14.80 -28.33 -8.33
CA ASP A 282 16.20 -28.00 -8.00
C ASP A 282 17.14 -29.12 -8.48
N GLU A 283 18.45 -29.05 -8.12
CA GLU A 283 19.51 -30.03 -8.46
C GLU A 283 19.17 -31.44 -7.98
N ALA A 284 18.50 -31.56 -6.82
CA ALA A 284 18.13 -32.84 -6.20
C ALA A 284 16.80 -33.43 -6.69
N GLY A 285 16.07 -32.74 -7.55
CA GLY A 285 14.78 -33.25 -8.03
C GLY A 285 13.59 -32.82 -7.22
N ARG A 286 13.79 -32.04 -6.13
CA ARG A 286 12.66 -31.56 -5.32
C ARG A 286 11.91 -30.47 -6.09
N ILE A 287 10.64 -30.74 -6.42
CA ILE A 287 9.82 -29.81 -7.21
C ILE A 287 9.41 -28.60 -6.36
N GLY A 288 9.62 -27.42 -6.90
CA GLY A 288 9.24 -26.16 -6.28
C GLY A 288 7.97 -25.59 -6.89
N ILE A 289 7.72 -25.86 -8.20
CA ILE A 289 6.56 -25.35 -8.93
C ILE A 289 6.05 -26.40 -9.92
N ARG A 290 4.75 -26.63 -9.92
CA ARG A 290 4.10 -27.54 -10.84
C ARG A 290 2.98 -26.77 -11.56
N MET A 291 2.95 -26.85 -12.91
CA MET A 291 1.96 -26.20 -13.74
C MET A 291 1.27 -27.32 -14.47
N ARG A 292 -0.03 -27.43 -14.29
CA ARG A 292 -0.82 -28.46 -14.92
C ARG A 292 -1.86 -27.82 -15.82
N GLY A 293 -1.94 -28.29 -17.06
CA GLY A 293 -2.92 -27.82 -18.02
C GLY A 293 -2.59 -26.45 -18.55
N PHE A 294 -1.30 -26.24 -18.93
CA PHE A 294 -0.77 -24.99 -19.47
C PHE A 294 -0.90 -24.93 -20.98
N SER A 295 -1.55 -23.90 -21.48
CA SER A 295 -1.80 -23.73 -22.91
C SER A 295 -1.58 -22.30 -23.32
N MET A 296 -0.75 -22.10 -24.29
CA MET A 296 -0.47 -20.76 -24.84
C MET A 296 -1.24 -20.58 -26.11
N GLY A 297 -1.81 -19.40 -26.31
CA GLY A 297 -2.58 -19.12 -27.52
C GLY A 297 -1.67 -18.71 -28.66
N SER A 298 -2.06 -19.04 -29.89
CA SER A 298 -1.28 -18.69 -31.06
C SER A 298 -2.15 -18.08 -32.17
N GLU A 299 -1.50 -17.56 -33.24
CA GLU A 299 -2.18 -16.94 -34.39
C GLU A 299 -2.12 -17.85 -35.59
N ASP B 10 6.56 7.86 -2.11
CA ASP B 10 7.32 7.45 -0.94
C ASP B 10 6.48 7.52 0.35
N ILE B 11 5.82 8.66 0.59
CA ILE B 11 4.99 8.86 1.79
C ILE B 11 3.67 9.56 1.40
N LEU B 12 2.52 9.02 1.83
CA LEU B 12 1.23 9.61 1.47
C LEU B 12 0.98 10.95 2.15
N HIS B 13 1.36 11.07 3.42
CA HIS B 13 1.13 12.23 4.23
C HIS B 13 2.15 12.22 5.39
N PRO B 14 2.53 13.37 6.02
CA PRO B 14 3.50 13.32 7.14
C PRO B 14 3.15 12.33 8.26
N LEU B 15 1.84 12.14 8.54
CA LEU B 15 1.33 11.24 9.55
C LEU B 15 0.80 9.89 9.00
N LEU B 16 0.77 9.65 7.67
CA LEU B 16 0.33 8.37 7.05
C LEU B 16 1.39 7.98 6.07
N HIS B 17 2.25 7.08 6.43
CA HIS B 17 3.36 6.76 5.55
C HIS B 17 2.99 5.78 4.46
N LYS B 18 2.22 4.76 4.79
CA LYS B 18 1.87 3.74 3.83
C LYS B 18 0.46 3.20 4.02
N ASN B 19 -0.09 2.66 2.91
CA ASN B 19 -1.37 1.97 2.91
C ASN B 19 -0.97 0.53 3.09
N THR B 20 -1.39 -0.11 4.19
CA THR B 20 -1.05 -1.51 4.46
C THR B 20 -2.33 -2.35 4.57
N SER B 21 -3.36 -1.99 3.80
CA SER B 21 -4.61 -2.73 3.80
C SER B 21 -4.41 -4.16 3.34
N ASP B 22 -5.19 -5.08 3.88
CA ASP B 22 -5.11 -6.49 3.53
C ASP B 22 -6.51 -7.08 3.49
N LEU B 23 -6.63 -8.41 3.38
CA LEU B 23 -7.92 -9.09 3.35
C LEU B 23 -8.78 -8.79 4.53
N TYR B 24 -8.16 -8.68 5.70
CA TYR B 24 -8.87 -8.50 6.97
C TYR B 24 -9.09 -7.09 7.38
N GLU B 25 -8.45 -6.08 6.72
CA GLU B 25 -8.61 -4.69 7.18
C GLU B 25 -8.13 -3.64 6.18
N LEU B 26 -8.82 -2.48 6.12
CA LEU B 26 -8.44 -1.28 5.35
C LEU B 26 -7.65 -0.44 6.35
N ARG B 27 -6.33 -0.26 6.13
CA ARG B 27 -5.52 0.48 7.09
C ARG B 27 -4.29 1.14 6.54
N TYR B 28 -3.75 2.07 7.34
CA TYR B 28 -2.56 2.80 7.01
C TYR B 28 -1.58 2.64 8.17
N SER B 29 -0.27 2.61 7.87
CA SER B 29 0.74 2.41 8.91
C SER B 29 1.83 3.45 8.76
N SER B 30 2.32 3.93 9.92
CA SER B 30 3.41 4.91 10.03
C SER B 30 4.36 4.47 11.11
N SER B 31 5.66 4.76 10.94
CA SER B 31 6.69 4.44 11.91
C SER B 31 7.28 5.75 12.37
N PHE B 32 7.20 6.05 13.67
CA PHE B 32 7.66 7.32 14.24
C PHE B 32 8.81 7.17 15.21
N THR B 33 9.70 8.19 15.27
CA THR B 33 10.86 8.24 16.18
C THR B 33 10.77 9.24 17.33
N GLY B 34 10.03 10.33 17.17
CA GLY B 34 9.97 11.41 18.15
C GLY B 34 10.78 12.64 17.75
N GLN B 35 11.70 12.49 16.77
CA GLN B 35 12.55 13.59 16.27
C GLN B 35 11.89 14.37 15.12
N GLU B 36 10.67 13.98 14.68
CA GLU B 36 9.93 14.64 13.59
C GLU B 36 9.63 16.12 13.88
N LEU B 37 9.18 16.86 12.83
CA LEU B 37 8.87 18.28 12.92
C LEU B 37 7.62 18.60 13.78
N PHE B 38 6.59 17.73 13.82
CA PHE B 38 5.43 17.96 14.70
C PHE B 38 5.80 17.81 16.18
N MET B 39 6.79 16.95 16.52
CA MET B 39 7.27 16.78 17.89
C MET B 39 8.70 17.43 18.02
N ALA B 40 8.87 18.63 17.44
CA ALA B 40 10.16 19.36 17.43
C ALA B 40 10.42 20.18 18.70
N ASP B 41 9.36 20.64 19.40
CA ASP B 41 9.54 21.41 20.63
C ASP B 41 9.72 20.43 21.79
N HIS B 42 10.86 19.72 21.79
CA HIS B 42 11.20 18.69 22.79
C HIS B 42 12.00 19.29 23.94
N LEU B 43 11.53 19.10 25.19
CA LEU B 43 12.22 19.62 26.39
C LEU B 43 13.52 18.82 26.60
N GLY B 44 13.48 17.54 26.25
CA GLY B 44 14.62 16.64 26.29
C GLY B 44 14.49 15.59 25.21
N ASN B 45 15.50 14.72 25.02
CA ASN B 45 15.44 13.68 23.97
C ASN B 45 14.83 12.35 24.47
N GLY B 46 13.84 12.41 25.36
CA GLY B 46 13.20 11.19 25.89
C GLY B 46 11.76 10.97 25.49
N GLN B 47 11.17 9.92 26.08
CA GLN B 47 9.78 9.46 25.96
C GLN B 47 8.80 10.62 26.25
N ARG B 48 7.73 10.72 25.43
CA ARG B 48 6.68 11.74 25.56
C ARG B 48 5.36 11.25 24.90
N PHE B 49 4.22 11.84 25.29
CA PHE B 49 2.87 11.57 24.76
C PHE B 49 2.78 12.07 23.31
N PHE B 50 2.11 11.29 22.45
CA PHE B 50 1.87 11.69 21.06
C PHE B 50 1.04 12.98 21.09
N PRO B 51 1.34 14.01 20.29
CA PRO B 51 0.54 15.26 20.35
C PRO B 51 -0.95 15.04 20.08
N LEU B 52 -1.78 15.71 20.87
CA LEU B 52 -3.23 15.58 20.86
C LEU B 52 -3.87 15.80 19.50
N ILE B 53 -3.46 16.83 18.79
CA ILE B 53 -4.04 17.17 17.49
C ILE B 53 -3.47 16.28 16.38
N ALA B 54 -2.30 15.62 16.60
CA ALA B 54 -1.73 14.68 15.64
C ALA B 54 -2.68 13.50 15.44
N TYR B 55 -3.45 13.12 16.49
CA TYR B 55 -4.44 12.06 16.40
C TYR B 55 -5.57 12.44 15.43
N LEU B 56 -5.98 13.71 15.43
CA LEU B 56 -7.06 14.19 14.57
C LEU B 56 -6.63 14.32 13.12
N GLU B 57 -5.44 14.88 12.92
CA GLU B 57 -4.83 15.05 11.61
C GLU B 57 -4.57 13.69 10.94
N MET B 58 -4.07 12.69 11.71
CA MET B 58 -3.83 11.33 11.21
C MET B 58 -5.14 10.65 10.78
N ALA B 59 -6.15 10.71 11.63
CA ALA B 59 -7.48 10.15 11.35
C ALA B 59 -8.14 10.80 10.13
N ARG B 60 -7.99 12.12 9.98
CA ARG B 60 -8.54 12.87 8.85
C ARG B 60 -7.84 12.49 7.56
N ALA B 61 -6.52 12.39 7.60
CA ALA B 61 -5.72 11.99 6.44
C ALA B 61 -6.12 10.58 5.94
N ALA B 62 -6.34 9.62 6.87
CA ALA B 62 -6.76 8.23 6.53
C ALA B 62 -8.10 8.20 5.85
N VAL B 63 -9.06 8.89 6.42
CA VAL B 63 -10.41 8.99 5.86
C VAL B 63 -10.40 9.59 4.45
N LYS B 64 -9.67 10.67 4.24
CA LYS B 64 -9.56 11.29 2.91
C LYS B 64 -8.89 10.30 1.92
N GLN B 65 -7.87 9.55 2.34
CA GLN B 65 -7.24 8.53 1.48
C GLN B 65 -8.22 7.42 1.13
N ALA B 66 -8.92 6.88 2.13
CA ALA B 66 -9.92 5.83 1.95
C ALA B 66 -10.97 6.10 0.84
N ALA B 67 -11.29 7.38 0.55
CA ALA B 67 -12.22 7.81 -0.51
C ALA B 67 -11.45 8.27 -1.79
N GLY B 68 -12.13 8.92 -2.73
CA GLY B 68 -11.53 9.43 -3.95
C GLY B 68 -11.22 8.34 -4.97
N GLY B 72 -14.46 10.67 -6.31
CA GLY B 72 -14.80 12.03 -5.92
C GLY B 72 -14.48 12.31 -4.47
N THR B 73 -13.95 13.52 -4.18
CA THR B 73 -13.55 13.96 -2.83
C THR B 73 -14.33 15.20 -2.37
N LEU B 74 -15.19 15.06 -1.33
CA LEU B 74 -15.95 16.19 -0.77
C LEU B 74 -15.05 17.03 0.11
N SER B 75 -15.27 18.35 0.13
CA SER B 75 -14.48 19.27 0.94
C SER B 75 -14.81 19.17 2.42
N GLY B 76 -16.08 18.90 2.78
CA GLY B 76 -16.43 18.88 4.20
C GLY B 76 -16.38 17.57 4.93
N ILE B 77 -15.76 17.57 6.10
CA ILE B 77 -15.64 16.41 6.98
C ILE B 77 -16.16 16.77 8.36
N ARG B 78 -16.86 15.83 9.01
CA ARG B 78 -17.30 15.97 10.39
C ARG B 78 -16.81 14.75 11.15
N MET B 79 -16.00 14.94 12.18
CA MET B 79 -15.57 13.84 13.06
C MET B 79 -16.39 14.03 14.35
N SER B 80 -16.97 12.95 14.89
CA SER B 80 -17.83 12.99 16.08
C SER B 80 -17.40 11.93 17.07
N HIS B 81 -17.68 12.15 18.37
CA HIS B 81 -17.43 11.19 19.45
C HIS B 81 -15.99 10.69 19.49
N VAL B 82 -15.04 11.58 19.31
CA VAL B 82 -13.62 11.25 19.31
C VAL B 82 -13.15 11.08 20.77
N ALA B 83 -12.34 10.06 21.02
CA ALA B 83 -11.84 9.79 22.36
C ALA B 83 -10.45 9.16 22.31
N THR B 84 -9.50 9.73 23.02
CA THR B 84 -8.13 9.22 23.10
C THR B 84 -7.95 8.83 24.56
N ASP B 85 -8.19 7.54 24.87
CA ASP B 85 -8.18 7.00 26.22
C ASP B 85 -6.85 6.45 26.69
N ASP B 86 -6.06 5.83 25.79
CA ASP B 86 -4.80 5.20 26.16
C ASP B 86 -3.70 5.86 25.34
N PRO B 87 -2.94 6.83 25.92
CA PRO B 87 -1.98 7.59 25.10
C PRO B 87 -0.85 6.81 24.44
N LEU B 88 -0.56 7.17 23.20
CA LEU B 88 0.55 6.63 22.43
C LEU B 88 1.79 7.38 22.91
N LEU B 89 2.83 6.61 23.28
CA LEU B 89 4.09 7.16 23.74
C LEU B 89 5.09 7.05 22.62
N VAL B 90 5.81 8.13 22.36
CA VAL B 90 6.82 8.19 21.30
C VAL B 90 8.11 8.75 21.85
N GLY B 91 9.20 8.56 21.12
CA GLY B 91 10.52 9.06 21.47
C GLY B 91 11.40 8.15 22.30
N ASP B 92 10.87 7.00 22.76
CA ASP B 92 11.61 6.00 23.54
C ASP B 92 12.16 4.98 22.54
N ASP B 93 11.25 4.27 21.86
CA ASP B 93 11.59 3.29 20.84
C ASP B 93 10.86 3.67 19.55
N LEU B 94 11.22 3.03 18.43
CA LEU B 94 10.60 3.26 17.12
C LEU B 94 9.20 2.62 17.17
N VAL B 95 8.13 3.43 17.05
CA VAL B 95 6.75 2.94 17.16
C VAL B 95 6.09 2.81 15.80
N GLN B 96 5.43 1.68 15.56
CA GLN B 96 4.65 1.46 14.35
C GLN B 96 3.18 1.69 14.74
N VAL B 97 2.58 2.75 14.22
CA VAL B 97 1.20 3.13 14.53
C VAL B 97 0.34 2.88 13.32
N HIS B 98 -0.83 2.30 13.53
CA HIS B 98 -1.78 1.98 12.48
C HIS B 98 -3.05 2.79 12.61
N VAL B 99 -3.71 3.10 11.48
CA VAL B 99 -5.04 3.72 11.47
C VAL B 99 -5.90 2.80 10.65
N GLY B 100 -6.88 2.20 11.29
CA GLY B 100 -7.84 1.35 10.61
C GLY B 100 -9.09 2.14 10.34
N ILE B 101 -9.78 1.85 9.22
CA ILE B 101 -11.04 2.46 8.84
C ILE B 101 -12.05 1.33 8.69
N TYR B 102 -13.27 1.56 9.16
CA TYR B 102 -14.34 0.58 9.20
C TYR B 102 -15.68 1.20 8.74
N PRO B 103 -16.15 0.95 7.50
CA PRO B 103 -17.44 1.53 7.07
C PRO B 103 -18.64 1.01 7.86
N GLU B 104 -19.75 1.79 7.86
CA GLU B 104 -20.99 1.50 8.61
C GLU B 104 -22.28 1.56 7.75
N ASP B 105 -23.39 1.08 8.35
CA ASP B 105 -24.74 1.03 7.76
C ASP B 105 -25.29 2.41 7.37
N THR B 106 -25.03 3.43 8.19
CA THR B 106 -25.49 4.80 7.96
C THR B 106 -24.67 5.55 6.88
N GLY B 107 -23.63 4.93 6.35
CA GLY B 107 -22.73 5.56 5.38
C GLY B 107 -21.63 6.34 6.09
N GLU B 108 -21.57 6.26 7.44
CA GLU B 108 -20.56 6.93 8.25
C GLU B 108 -19.34 5.99 8.29
N LEU B 109 -18.18 6.49 8.72
CA LEU B 109 -16.93 5.72 8.75
C LEU B 109 -16.26 5.80 10.12
N ALA B 110 -16.18 4.69 10.85
CA ALA B 110 -15.46 4.69 12.13
C ALA B 110 -13.97 4.56 11.88
N TYR B 111 -13.13 4.96 12.86
CA TYR B 111 -11.68 4.80 12.76
C TYR B 111 -11.06 4.42 14.10
N LYS B 112 -9.88 3.80 14.04
CA LYS B 112 -9.11 3.46 15.24
C LYS B 112 -7.67 3.69 14.98
N ILE B 113 -6.97 4.31 15.91
CA ILE B 113 -5.53 4.50 15.84
C ILE B 113 -5.02 3.52 16.87
N TYR B 114 -4.12 2.63 16.48
CA TYR B 114 -3.66 1.61 17.39
C TYR B 114 -2.23 1.18 17.06
N SER B 115 -1.58 0.54 18.01
CA SER B 115 -0.21 0.04 17.85
C SER B 115 0.02 -1.24 18.62
N GLU B 116 1.19 -1.86 18.38
CA GLU B 116 1.65 -3.08 19.06
C GLU B 116 0.74 -4.28 18.80
N THR B 122 2.83 -7.50 19.52
CA THR B 122 2.10 -8.69 19.98
C THR B 122 0.71 -8.30 20.49
N ARG B 123 0.67 -7.52 21.60
CA ARG B 123 -0.56 -7.09 22.27
C ARG B 123 -1.05 -5.74 21.70
N SER B 124 -2.10 -5.72 20.84
CA SER B 124 -2.57 -4.46 20.22
C SER B 124 -3.36 -3.55 21.16
N VAL B 125 -2.98 -2.25 21.20
CA VAL B 125 -3.62 -1.25 22.05
C VAL B 125 -4.25 -0.17 21.15
N VAL B 126 -5.53 0.17 21.40
CA VAL B 126 -6.25 1.25 20.70
C VAL B 126 -6.04 2.54 21.49
N HIS B 127 -5.38 3.53 20.86
CA HIS B 127 -5.11 4.80 21.50
C HIS B 127 -6.23 5.80 21.28
N SER B 128 -6.83 5.84 20.07
CA SER B 128 -7.85 6.81 19.71
C SER B 128 -8.88 6.19 18.76
N HIS B 129 -10.13 6.62 18.86
CA HIS B 129 -11.19 6.18 17.96
C HIS B 129 -12.26 7.27 17.83
N GLY B 130 -13.02 7.21 16.75
CA GLY B 130 -14.06 8.17 16.48
C GLY B 130 -14.84 7.85 15.24
N MET B 131 -15.89 8.62 14.97
CA MET B 131 -16.73 8.47 13.79
C MET B 131 -16.46 9.60 12.82
N VAL B 132 -16.52 9.32 11.51
CA VAL B 132 -16.24 10.32 10.46
C VAL B 132 -17.28 10.28 9.34
N GLU B 133 -17.58 11.45 8.76
CA GLU B 133 -18.64 11.66 7.78
C GLU B 133 -18.26 12.76 6.82
N PHE B 134 -18.50 12.55 5.53
CA PHE B 134 -18.30 13.59 4.51
C PHE B 134 -19.62 14.33 4.40
N THR B 135 -19.59 15.66 4.38
CA THR B 135 -20.80 16.48 4.31
C THR B 135 -20.52 17.72 3.48
N SER B 136 -21.58 18.31 2.90
CA SER B 136 -21.44 19.58 2.19
C SER B 136 -21.97 20.63 3.14
N PHE B 137 -21.08 21.43 3.72
CA PHE B 137 -21.52 22.47 4.66
C PHE B 137 -22.18 23.62 3.90
N VAL B 138 -23.51 23.71 4.00
CA VAL B 138 -24.32 24.74 3.33
C VAL B 138 -23.94 26.15 3.80
N GLU B 139 -23.70 26.32 5.10
CA GLU B 139 -23.43 27.63 5.68
C GLU B 139 -22.18 27.58 6.54
N VAL B 140 -21.04 28.03 5.98
CA VAL B 140 -19.76 28.07 6.72
C VAL B 140 -19.82 29.24 7.72
N PRO B 141 -19.59 29.01 9.02
CA PRO B 141 -19.71 30.13 9.98
C PRO B 141 -18.56 31.11 9.94
N THR B 142 -18.81 32.28 10.54
CA THR B 142 -17.85 33.37 10.61
C THR B 142 -17.81 33.99 12.00
N LEU B 143 -16.78 34.77 12.25
CA LEU B 143 -16.59 35.52 13.48
C LEU B 143 -16.52 36.98 13.13
N ASP B 144 -17.08 37.84 13.99
CA ASP B 144 -17.02 39.28 13.85
C ASP B 144 -15.79 39.64 14.70
N LEU B 145 -14.60 39.67 14.08
CA LEU B 145 -13.34 39.90 14.80
C LEU B 145 -13.27 41.26 15.48
N PRO B 146 -13.58 42.38 14.78
CA PRO B 146 -13.56 43.70 15.47
C PRO B 146 -14.45 43.77 16.72
N ALA B 147 -15.66 43.22 16.63
CA ALA B 147 -16.56 43.19 17.79
C ALA B 147 -15.97 42.37 18.94
N LEU B 148 -15.39 41.18 18.65
CA LEU B 148 -14.79 40.33 19.69
C LEU B 148 -13.61 41.03 20.36
N GLN B 149 -12.82 41.72 19.57
CA GLN B 149 -11.67 42.48 20.05
C GLN B 149 -12.10 43.67 20.93
N ALA B 150 -13.18 44.39 20.57
CA ALA B 150 -13.66 45.55 21.35
C ALA B 150 -14.24 45.17 22.72
N GLU B 151 -14.70 43.89 22.91
CA GLU B 151 -15.26 43.37 24.17
C GLU B 151 -14.19 43.00 25.21
N SER B 152 -12.91 43.02 24.86
CA SER B 152 -11.91 42.50 25.79
C SER B 152 -11.57 43.42 26.96
N SER B 153 -11.25 42.78 28.10
CA SER B 153 -10.84 43.42 29.34
C SER B 153 -9.33 43.53 29.44
N GLU B 154 -8.59 42.65 28.74
CA GLU B 154 -7.15 42.70 28.66
C GLU B 154 -6.68 42.28 27.28
N ILE B 155 -5.53 42.80 26.86
CA ILE B 155 -4.85 42.40 25.64
C ILE B 155 -3.42 42.19 26.08
N LEU B 156 -2.93 40.97 25.87
CA LEU B 156 -1.59 40.61 26.28
C LEU B 156 -0.70 40.43 25.09
N THR B 157 0.54 40.87 25.25
CA THR B 157 1.56 40.66 24.22
C THR B 157 1.98 39.17 24.25
N ALA B 158 2.76 38.77 23.27
CA ALA B 158 3.27 37.40 23.19
C ALA B 158 4.11 37.07 24.45
N ARG B 159 4.97 38.01 24.89
CA ARG B 159 5.78 37.86 26.10
C ARG B 159 4.94 37.70 27.36
N GLN B 160 4.02 38.62 27.61
CA GLN B 160 3.14 38.57 28.79
C GLN B 160 2.43 37.22 28.98
N CYS B 161 2.09 36.56 27.85
CA CYS B 161 1.50 35.21 27.82
C CYS B 161 2.53 34.18 28.27
N TYR B 162 3.74 34.24 27.66
CA TYR B 162 4.87 33.36 27.98
C TYR B 162 5.37 33.56 29.44
N GLU B 163 5.28 34.78 29.99
CA GLU B 163 5.68 35.11 31.36
C GLU B 163 4.74 34.43 32.37
N LEU B 164 3.51 34.06 31.97
CA LEU B 164 2.64 33.29 32.85
C LEU B 164 3.10 31.83 32.90
N LEU B 165 3.60 31.30 31.76
CA LEU B 165 4.05 29.92 31.59
C LEU B 165 5.54 29.81 31.26
N GLU B 175 8.94 24.69 25.28
CA GLU B 175 9.11 25.77 24.31
C GLU B 175 7.84 25.99 23.49
N PHE B 176 7.40 27.26 23.38
CA PHE B 176 6.24 27.63 22.59
C PHE B 176 6.40 29.02 21.97
N GLN B 177 5.74 29.22 20.84
CA GLN B 177 5.67 30.49 20.11
C GLN B 177 4.43 30.38 19.19
N GLY B 178 4.28 31.29 18.24
CA GLY B 178 3.17 31.28 17.30
C GLY B 178 1.95 32.04 17.81
N ILE B 179 2.17 32.99 18.74
CA ILE B 179 1.12 33.83 19.31
C ILE B 179 1.57 35.29 19.23
N ASP B 180 0.84 36.10 18.48
CA ASP B 180 1.13 37.53 18.32
C ASP B 180 0.57 38.31 19.51
N GLN B 181 -0.71 38.07 19.82
CA GLN B 181 -1.38 38.76 20.93
C GLN B 181 -2.58 37.98 21.38
N VAL B 182 -3.01 38.21 22.61
CA VAL B 182 -4.17 37.52 23.15
C VAL B 182 -5.14 38.54 23.65
N TYR B 183 -6.36 38.48 23.13
CA TYR B 183 -7.49 39.32 23.55
C TYR B 183 -8.32 38.51 24.58
N ARG B 184 -8.27 38.84 25.87
CA ARG B 184 -9.04 38.12 26.91
C ARG B 184 -10.35 38.89 27.31
N ALA B 185 -11.52 38.22 27.24
CA ALA B 185 -12.82 38.75 27.61
C ALA B 185 -13.42 37.79 28.59
N PRO B 186 -14.49 38.19 29.32
CA PRO B 186 -15.16 37.24 30.21
C PRO B 186 -15.80 36.15 29.35
N GLY B 187 -15.43 34.90 29.59
CA GLY B 187 -15.95 33.79 28.80
C GLY B 187 -15.17 33.40 27.54
N HIS B 188 -14.15 34.18 27.11
CA HIS B 188 -13.38 33.82 25.90
C HIS B 188 -11.99 34.41 25.82
N VAL B 189 -11.14 33.79 24.98
CA VAL B 189 -9.82 34.29 24.61
C VAL B 189 -9.76 34.24 23.11
N LEU B 190 -9.32 35.33 22.47
CA LEU B 190 -9.17 35.37 21.02
C LEU B 190 -7.67 35.51 20.81
N VAL B 191 -7.07 34.47 20.26
CA VAL B 191 -5.62 34.44 20.06
C VAL B 191 -5.29 34.82 18.64
N LYS B 192 -4.41 35.81 18.45
CA LYS B 192 -3.93 36.16 17.13
C LYS B 192 -2.68 35.31 16.91
N LEU B 193 -2.70 34.49 15.88
CA LEU B 193 -1.64 33.53 15.60
C LEU B 193 -0.67 34.01 14.56
N SER B 194 0.63 33.86 14.89
CA SER B 194 1.78 34.19 14.06
C SER B 194 2.19 32.84 13.42
N LEU B 195 1.66 32.52 12.24
CA LEU B 195 1.98 31.23 11.61
C LEU B 195 3.12 31.32 10.58
N PRO B 196 4.24 30.55 10.76
CA PRO B 196 5.29 30.53 9.73
C PRO B 196 4.73 30.37 8.31
N SER B 197 3.71 29.48 8.15
CA SER B 197 3.01 29.22 6.88
C SER B 197 4.00 28.86 5.78
N ILE B 198 4.48 27.60 5.81
CA ILE B 198 5.48 27.12 4.85
C ILE B 198 4.83 26.94 3.47
N THR B 199 3.58 26.41 3.43
CA THR B 199 2.79 26.18 2.21
C THR B 199 3.56 25.37 1.13
N MET B 200 4.45 24.46 1.56
CA MET B 200 5.21 23.58 0.67
C MET B 200 4.36 22.31 0.48
N GLU B 201 4.85 21.35 -0.32
CA GLU B 201 4.15 20.08 -0.58
C GLU B 201 3.82 19.35 0.75
N THR B 202 4.68 19.49 1.78
CA THR B 202 4.45 18.89 3.11
C THR B 202 3.37 19.65 3.91
N ALA B 203 3.35 20.99 3.82
CA ALA B 203 2.35 21.81 4.50
C ALA B 203 0.98 21.73 3.81
N GLU B 204 0.97 21.61 2.45
CA GLU B 204 -0.27 21.47 1.65
C GLU B 204 -1.02 20.16 1.96
N GLN B 205 -0.36 19.19 2.59
CA GLN B 205 -0.98 17.91 2.98
C GLN B 205 -1.71 18.05 4.34
N LEU B 206 -1.24 18.94 5.25
CA LEU B 206 -1.86 19.16 6.56
C LEU B 206 -3.01 20.22 6.54
N VAL B 207 -4.00 20.00 7.41
CA VAL B 207 -5.14 20.88 7.69
C VAL B 207 -4.73 21.59 8.99
N PHE B 208 -4.25 20.88 10.01
CA PHE B 208 -3.74 21.56 11.20
C PHE B 208 -2.28 21.88 10.97
N HIS B 209 -1.92 23.16 11.01
CA HIS B 209 -0.53 23.60 10.80
C HIS B 209 0.41 22.95 11.84
N PRO B 210 1.69 22.63 11.53
CA PRO B 210 2.57 22.06 12.59
C PRO B 210 2.80 23.09 13.71
N SER B 211 3.05 22.64 14.96
CA SER B 211 3.19 23.53 16.13
C SER B 211 1.82 24.09 16.61
N LEU B 212 0.72 23.88 15.86
CA LEU B 212 -0.63 24.24 16.27
C LEU B 212 -0.99 23.25 17.40
N LEU B 213 -0.52 21.98 17.27
CA LEU B 213 -0.64 20.93 18.30
C LEU B 213 -0.23 21.36 19.73
N GLU B 214 0.76 22.26 19.88
CA GLU B 214 1.17 22.76 21.20
C GLU B 214 0.35 24.00 21.59
N SER B 215 -0.38 24.65 20.64
CA SER B 215 -1.21 25.84 20.97
C SER B 215 -2.38 25.51 21.89
N LEU B 216 -2.77 24.23 21.98
CA LEU B 216 -3.80 23.74 22.93
C LEU B 216 -3.23 23.62 24.36
N LEU B 217 -1.92 23.33 24.53
CA LEU B 217 -1.30 23.19 25.86
C LEU B 217 -1.54 24.46 26.70
N PRO B 218 -1.19 25.68 26.23
CA PRO B 218 -1.48 26.88 27.02
C PRO B 218 -2.88 27.48 26.80
N SER B 219 -3.72 26.90 25.91
CA SER B 219 -5.07 27.41 25.64
C SER B 219 -5.90 27.46 26.93
N THR B 220 -5.91 26.35 27.68
CA THR B 220 -6.64 26.27 28.96
C THR B 220 -6.04 27.24 30.00
N ARG B 221 -4.71 27.43 30.00
CA ARG B 221 -4.03 28.33 30.94
C ARG B 221 -4.42 29.82 30.81
N TYR B 222 -4.74 30.31 29.59
CA TYR B 222 -5.13 31.72 29.39
C TYR B 222 -6.58 31.98 29.75
N LEU B 223 -7.50 31.09 29.32
CA LEU B 223 -8.95 31.25 29.56
C LEU B 223 -9.26 31.28 31.06
N ILE B 224 -8.68 30.35 31.84
CA ILE B 224 -8.86 30.34 33.30
C ILE B 224 -7.90 31.39 33.91
N THR B 225 -8.43 32.31 34.74
CA THR B 225 -7.63 33.35 35.38
C THR B 225 -8.36 33.89 36.63
N ILE B 236 -1.46 21.04 37.91
CA ILE B 236 -1.90 19.81 37.23
C ILE B 236 -1.19 19.62 35.86
N GLN B 237 -0.86 18.37 35.54
CA GLN B 237 -0.20 18.02 34.27
C GLN B 237 -1.17 17.32 33.34
N LEU B 238 -0.98 17.51 32.02
CA LEU B 238 -1.70 16.75 30.99
C LEU B 238 -1.21 15.32 30.99
N ASP B 239 -2.14 14.37 30.82
CA ASP B 239 -1.84 12.94 30.80
C ASP B 239 -1.91 12.32 29.40
N GLY B 240 -1.93 13.14 28.36
CA GLY B 240 -1.99 12.64 26.99
C GLY B 240 -3.36 12.21 26.47
N THR B 241 -4.42 12.31 27.28
CA THR B 241 -5.77 11.93 26.84
C THR B 241 -6.62 13.12 26.50
N PHE B 242 -7.69 12.86 25.75
CA PHE B 242 -8.69 13.83 25.42
C PHE B 242 -9.97 13.18 24.94
N THR B 243 -11.02 13.97 24.98
CA THR B 243 -12.35 13.67 24.46
C THR B 243 -12.75 14.88 23.58
N LEU B 244 -13.53 14.63 22.53
CA LEU B 244 -13.96 15.66 21.59
C LEU B 244 -15.27 15.24 20.97
N GLU B 245 -16.33 16.01 21.23
CA GLU B 245 -17.66 15.68 20.74
C GLU B 245 -17.85 15.88 19.27
N GLU B 246 -17.32 16.96 18.69
CA GLU B 246 -17.50 17.24 17.28
C GLU B 246 -16.41 18.10 16.74
N LEU B 247 -16.03 17.83 15.49
CA LEU B 247 -15.02 18.56 14.75
C LEU B 247 -15.53 18.71 13.35
N GLU B 248 -15.65 19.94 12.87
CA GLU B 248 -16.09 20.21 11.51
C GLU B 248 -14.97 20.93 10.79
N ILE B 249 -14.59 20.44 9.60
CA ILE B 249 -13.55 21.04 8.77
C ILE B 249 -14.30 21.58 7.55
N TYR B 250 -14.35 22.92 7.38
CA TYR B 250 -15.13 23.59 6.33
C TYR B 250 -14.42 23.74 4.98
N GLU B 251 -13.10 23.64 4.96
CA GLU B 251 -12.32 23.69 3.72
C GLU B 251 -11.00 22.95 3.92
N ASN B 252 -10.42 22.42 2.83
CA ASN B 252 -9.10 21.80 2.87
C ASN B 252 -8.08 22.95 2.93
N HIS B 253 -6.89 22.73 3.53
CA HIS B 253 -5.83 23.77 3.61
C HIS B 253 -6.35 25.13 4.17
N PRO B 254 -7.01 25.15 5.34
CA PRO B 254 -7.50 26.44 5.86
C PRO B 254 -6.42 27.35 6.40
N ALA B 255 -6.54 28.67 6.15
CA ALA B 255 -5.61 29.68 6.65
C ALA B 255 -6.09 30.05 8.05
N VAL B 256 -5.25 29.77 9.06
CA VAL B 256 -5.59 30.00 10.46
C VAL B 256 -4.80 31.17 11.02
N LYS B 257 -5.45 32.33 11.15
CA LYS B 257 -4.84 33.52 11.71
C LYS B 257 -5.29 33.79 13.13
N TYR B 258 -6.44 33.23 13.55
CA TYR B 258 -6.97 33.40 14.90
C TYR B 258 -7.60 32.15 15.40
N ALA B 259 -7.62 32.01 16.73
CA ALA B 259 -8.31 30.95 17.43
C ALA B 259 -9.18 31.60 18.51
N LEU B 260 -10.48 31.39 18.48
CA LEU B 260 -11.41 31.86 19.49
C LEU B 260 -11.65 30.67 20.39
N ILE B 261 -11.35 30.78 21.69
CA ILE B 261 -11.52 29.67 22.63
C ILE B 261 -12.54 30.09 23.67
N ARG B 262 -13.50 29.20 23.98
CA ARG B 262 -14.56 29.40 24.94
C ARG B 262 -14.80 28.13 25.72
N PHE B 263 -15.59 28.20 26.79
CA PHE B 263 -16.06 27.03 27.51
C PHE B 263 -17.30 26.56 26.77
N SER B 264 -17.46 25.24 26.62
CA SER B 264 -18.62 24.67 25.95
C SER B 264 -19.84 24.75 26.89
N THR B 273 -9.18 20.23 34.18
CA THR B 273 -9.49 20.90 32.91
C THR B 273 -10.99 20.81 32.60
N ALA B 274 -11.56 21.90 32.03
CA ALA B 274 -12.96 21.96 31.61
C ALA B 274 -13.06 21.74 30.09
N THR B 275 -14.28 21.63 29.60
CA THR B 275 -14.63 21.33 28.21
C THR B 275 -14.67 22.61 27.38
N LEU B 276 -14.04 22.61 26.20
CA LEU B 276 -13.93 23.80 25.36
C LEU B 276 -14.48 23.70 23.96
N ASP B 277 -14.81 24.86 23.41
CA ASP B 277 -15.20 25.07 22.03
C ASP B 277 -14.09 25.96 21.44
N ILE B 278 -13.51 25.55 20.29
CA ILE B 278 -12.42 26.25 19.61
C ILE B 278 -12.82 26.47 18.17
N GLU B 279 -12.76 27.72 17.72
CA GLU B 279 -13.02 28.12 16.35
C GLU B 279 -11.73 28.72 15.79
N LEU B 280 -11.27 28.20 14.66
CA LEU B 280 -10.05 28.63 14.01
C LEU B 280 -10.46 29.29 12.72
N CYS B 281 -10.03 30.55 12.50
CA CYS B 281 -10.45 31.32 11.33
C CYS B 281 -9.32 32.10 10.67
N ASP B 282 -9.60 32.61 9.49
CA ASP B 282 -8.67 33.42 8.71
C ASP B 282 -8.72 34.91 9.17
N GLU B 283 -8.02 35.81 8.46
CA GLU B 283 -7.97 37.26 8.73
C GLU B 283 -9.35 37.94 8.70
N ALA B 284 -10.25 37.44 7.84
CA ALA B 284 -11.61 37.98 7.66
C ALA B 284 -12.63 37.39 8.63
N GLY B 285 -12.22 36.39 9.39
CA GLY B 285 -13.08 35.73 10.35
C GLY B 285 -13.85 34.58 9.75
N ARG B 286 -13.43 34.05 8.58
CA ARG B 286 -14.09 32.89 7.96
C ARG B 286 -13.55 31.67 8.70
N ILE B 287 -14.43 30.95 9.40
CA ILE B 287 -14.00 29.76 10.16
C ILE B 287 -13.68 28.60 9.20
N GLY B 288 -12.51 28.00 9.40
CA GLY B 288 -12.07 26.83 8.66
C GLY B 288 -12.22 25.55 9.45
N ILE B 289 -12.11 25.63 10.80
CA ILE B 289 -12.21 24.48 11.71
C ILE B 289 -12.93 24.86 12.99
N ARG B 290 -13.90 24.05 13.40
CA ARG B 290 -14.63 24.23 14.64
C ARG B 290 -14.51 22.95 15.45
N MET B 291 -14.11 23.06 16.73
CA MET B 291 -13.99 21.93 17.67
C MET B 291 -14.95 22.19 18.77
N ARG B 292 -15.86 21.26 19.03
CA ARG B 292 -16.86 21.36 20.08
C ARG B 292 -16.69 20.23 21.06
N GLY B 293 -16.73 20.54 22.34
CA GLY B 293 -16.63 19.54 23.38
C GLY B 293 -15.23 18.98 23.55
N PHE B 294 -14.24 19.85 23.45
CA PHE B 294 -12.86 19.42 23.55
C PHE B 294 -12.43 19.39 25.01
N SER B 295 -12.12 18.21 25.57
CA SER B 295 -11.71 18.08 26.97
C SER B 295 -10.41 17.34 27.09
N MET B 296 -9.34 17.98 27.61
CA MET B 296 -8.06 17.34 27.81
C MET B 296 -8.02 16.76 29.23
N GLY B 297 -7.48 15.56 29.35
CA GLY B 297 -7.38 14.89 30.64
C GLY B 297 -6.19 15.35 31.42
N SER B 298 -6.34 15.37 32.75
CA SER B 298 -5.34 15.78 33.72
C SER B 298 -4.81 14.53 34.43
N GLU B 299 -3.52 14.55 34.78
CA GLU B 299 -2.85 13.41 35.42
C GLU B 299 -3.23 13.33 36.90
N LYS B 300 -3.33 14.48 37.59
CA LYS B 300 -3.74 14.55 39.00
C LYS B 300 -4.92 15.49 39.13
#